data_8YQG
#
_entry.id   8YQG
#
_cell.length_a   76.233
_cell.length_b   120.758
_cell.length_c   44.807
_cell.angle_alpha   90.000
_cell.angle_beta   104.310
_cell.angle_gamma   90.000
#
_symmetry.space_group_name_H-M   'C 1 2 1'
#
loop_
_entity.id
_entity.type
_entity.pdbx_description
1 polymer 'Longin domain'
2 non-polymer 'MAGNESIUM ION'
3 water water
#
_entity_poly.entity_id   1
_entity_poly.type   'polypeptide(L)'
_entity_poly.pdbx_seq_one_letter_code
;EQSLGSIAKFSIFSVARQAGPEPIGWWENIDYDIIFKYSTSSLLLLVNEVRGATHRTLNFHPFIADQYLGIIFLFQIENL
KEPEKTFDASLLIMTDYQFRNTIYKMHTVLEKILNEISDELINAFISEFKDDSEAPITNREPFRIILQRMHKKLKTIPLN
L
;
_entity_poly.pdbx_strand_id   A,B
#
# COMPACT_ATOMS: atom_id res chain seq x y z
N GLN A 2 -22.37 -10.07 -26.33
CA GLN A 2 -21.45 -9.37 -25.44
C GLN A 2 -22.16 -8.23 -24.73
N SER A 3 -21.78 -8.04 -23.46
CA SER A 3 -22.28 -6.98 -22.61
C SER A 3 -21.11 -6.18 -22.06
N LEU A 4 -21.42 -5.03 -21.46
CA LEU A 4 -20.44 -4.32 -20.66
C LEU A 4 -19.78 -5.24 -19.63
N GLY A 5 -20.57 -6.09 -18.98
CA GLY A 5 -20.02 -6.97 -17.97
C GLY A 5 -19.08 -8.01 -18.53
N SER A 6 -19.33 -8.48 -19.75
CA SER A 6 -18.43 -9.50 -20.32
C SER A 6 -17.08 -8.92 -20.70
N ILE A 7 -16.99 -7.62 -20.99
CA ILE A 7 -15.68 -7.03 -21.27
C ILE A 7 -15.06 -6.35 -20.04
N ALA A 8 -15.73 -6.36 -18.89
CA ALA A 8 -15.18 -5.77 -17.66
C ALA A 8 -14.27 -6.79 -16.99
N LYS A 9 -12.96 -6.63 -17.18
CA LYS A 9 -12.00 -7.60 -16.67
C LYS A 9 -11.93 -7.59 -15.15
N PHE A 10 -12.01 -6.42 -14.53
CA PHE A 10 -12.02 -6.32 -13.07
C PHE A 10 -12.38 -4.88 -12.70
N SER A 11 -12.72 -4.69 -11.42
CA SER A 11 -13.07 -3.36 -10.93
C SER A 11 -12.44 -3.14 -9.56
N ILE A 12 -12.20 -1.87 -9.22
CA ILE A 12 -11.51 -1.51 -7.99
C ILE A 12 -12.16 -0.29 -7.38
N PHE A 13 -12.37 -0.34 -6.06
CA PHE A 13 -12.79 0.82 -5.26
C PHE A 13 -11.59 1.24 -4.43
N SER A 14 -11.12 2.46 -4.63
CA SER A 14 -9.91 2.93 -3.97
C SER A 14 -10.20 4.25 -3.27
N VAL A 15 -9.49 4.50 -2.16
CA VAL A 15 -9.61 5.75 -1.42
C VAL A 15 -8.21 6.25 -1.10
N ALA A 16 -7.98 7.55 -1.28
CA ALA A 16 -6.70 8.17 -0.92
C ALA A 16 -6.80 8.65 0.53
N ARG A 17 -6.21 7.90 1.44
CA ARG A 17 -6.23 8.30 2.84
C ARG A 17 -4.87 8.92 3.18
N GLN A 18 -4.59 9.13 4.47
CA GLN A 18 -3.39 9.90 4.81
C GLN A 18 -2.12 9.29 4.25
N ALA A 19 -2.11 7.99 3.98
CA ALA A 19 -0.97 7.33 3.37
C ALA A 19 -1.08 7.22 1.85
N GLY A 20 -2.01 7.93 1.22
CA GLY A 20 -2.08 7.89 -0.22
C GLY A 20 -3.05 6.86 -0.72
N PRO A 21 -3.09 6.64 -2.03
CA PRO A 21 -4.11 5.78 -2.61
C PRO A 21 -4.00 4.35 -2.08
N GLU A 22 -5.14 3.76 -1.77
CA GLU A 22 -5.26 2.46 -1.12
C GLU A 22 -6.43 1.73 -1.77
N PRO A 23 -6.24 0.50 -2.25
CA PRO A 23 -7.40 -0.31 -2.66
C PRO A 23 -8.22 -0.77 -1.45
N ILE A 24 -9.53 -0.54 -1.52
CA ILE A 24 -10.45 -0.94 -0.46
C ILE A 24 -11.10 -2.28 -0.79
N GLY A 25 -11.67 -2.41 -1.99
CA GLY A 25 -12.17 -3.69 -2.46
C GLY A 25 -11.97 -3.77 -3.96
N TRP A 26 -12.11 -4.99 -4.48
CA TRP A 26 -11.99 -5.20 -5.92
C TRP A 26 -12.74 -6.47 -6.25
N TRP A 27 -12.91 -6.69 -7.55
CA TRP A 27 -13.71 -7.80 -8.05
C TRP A 27 -13.16 -8.19 -9.41
N GLU A 28 -12.95 -9.48 -9.64
CA GLU A 28 -13.16 -10.57 -8.71
C GLU A 28 -11.86 -11.02 -8.03
N ASN A 29 -11.15 -11.98 -8.61
CA ASN A 29 -9.90 -12.47 -8.03
C ASN A 29 -8.74 -11.99 -8.87
N ILE A 30 -7.96 -11.08 -8.30
CA ILE A 30 -6.86 -10.41 -8.98
C ILE A 30 -5.71 -10.28 -8.01
N ASP A 31 -4.49 -10.63 -8.44
CA ASP A 31 -3.29 -10.44 -7.64
C ASP A 31 -3.23 -9.01 -7.10
N TYR A 32 -2.86 -8.88 -5.82
CA TYR A 32 -2.85 -7.55 -5.19
C TYR A 32 -1.84 -6.61 -5.83
N ASP A 33 -0.71 -7.12 -6.32
CA ASP A 33 0.26 -6.22 -6.95
C ASP A 33 -0.34 -5.52 -8.15
N ILE A 34 -1.17 -6.24 -8.92
CA ILE A 34 -1.90 -5.67 -10.05
C ILE A 34 -2.94 -4.66 -9.57
N ILE A 35 -3.75 -5.05 -8.57
CA ILE A 35 -4.76 -4.13 -8.03
C ILE A 35 -4.09 -2.86 -7.54
N PHE A 36 -3.00 -2.99 -6.80
CA PHE A 36 -2.33 -1.81 -6.23
C PHE A 36 -1.82 -0.86 -7.32
N LYS A 37 -1.29 -1.42 -8.41
CA LYS A 37 -0.79 -0.63 -9.54
C LYS A 37 -1.87 0.26 -10.12
N TYR A 38 -3.01 -0.31 -10.48
CA TYR A 38 -4.06 0.46 -11.13
C TYR A 38 -4.82 1.30 -10.13
N SER A 39 -4.95 0.83 -8.89
CA SER A 39 -5.50 1.65 -7.83
C SER A 39 -4.70 2.93 -7.69
N THR A 40 -3.39 2.80 -7.65
CA THR A 40 -2.53 3.97 -7.53
C THR A 40 -2.64 4.86 -8.76
N SER A 41 -2.54 4.30 -9.97
CA SER A 41 -2.69 5.12 -11.18
C SER A 41 -4.03 5.84 -11.20
N SER A 42 -5.09 5.16 -10.78
CA SER A 42 -6.43 5.73 -10.85
C SER A 42 -6.50 7.05 -10.09
N LEU A 43 -5.79 7.16 -8.98
CA LEU A 43 -5.91 8.35 -8.15
C LEU A 43 -4.78 9.34 -8.38
N LEU A 44 -3.71 8.92 -9.03
CA LEU A 44 -2.68 9.89 -9.37
C LEU A 44 -2.93 10.58 -10.70
N LEU A 45 -3.90 10.15 -11.48
CA LEU A 45 -4.44 11.04 -12.50
C LEU A 45 -4.79 12.40 -11.90
N LEU A 46 -4.97 12.48 -10.59
CA LEU A 46 -5.28 13.72 -9.87
C LEU A 46 -4.05 14.46 -9.33
N VAL A 47 -2.82 14.08 -9.75
CA VAL A 47 -1.61 14.67 -9.14
C VAL A 47 -1.66 16.19 -9.15
N ASN A 48 -2.05 16.78 -10.29
CA ASN A 48 -2.00 18.23 -10.45
C ASN A 48 -3.40 18.86 -10.52
N GLU A 49 -4.37 18.29 -9.83
CA GLU A 49 -5.69 18.90 -9.70
C GLU A 49 -5.74 19.65 -8.37
N VAL A 50 -5.93 20.98 -8.45
CA VAL A 50 -5.78 21.84 -7.27
C VAL A 50 -6.65 21.37 -6.12
N ARG A 51 -7.80 20.75 -6.41
CA ARG A 51 -8.71 20.35 -5.36
C ARG A 51 -9.18 18.91 -5.54
N GLY A 52 -8.31 18.04 -6.05
CA GLY A 52 -8.67 16.64 -6.23
C GLY A 52 -9.82 16.51 -7.20
N ALA A 53 -10.78 15.65 -6.85
CA ALA A 53 -11.90 15.33 -7.74
C ALA A 53 -13.16 16.10 -7.32
N THR A 54 -13.08 17.44 -7.40
CA THR A 54 -14.19 18.27 -6.93
C THR A 54 -15.46 18.04 -7.74
N HIS A 55 -15.32 17.70 -9.01
CA HIS A 55 -16.44 17.25 -9.84
C HIS A 55 -16.33 15.75 -10.05
N ARG A 56 -17.43 15.03 -9.77
CA ARG A 56 -17.47 13.61 -10.10
C ARG A 56 -17.13 13.50 -11.57
N THR A 57 -15.99 12.92 -11.85
CA THR A 57 -15.40 12.95 -13.17
C THR A 57 -15.29 11.52 -13.64
N LEU A 58 -15.90 11.24 -14.77
CA LEU A 58 -15.56 10.05 -15.51
C LEU A 58 -14.36 10.38 -16.37
N ASN A 59 -13.35 9.51 -16.33
CA ASN A 59 -12.14 9.68 -17.13
C ASN A 59 -11.87 8.33 -17.76
N PHE A 60 -11.84 8.28 -19.08
CA PHE A 60 -11.35 7.10 -19.80
C PHE A 60 -9.85 7.25 -19.95
N HIS A 61 -9.09 6.27 -19.45
CA HIS A 61 -7.64 6.40 -19.46
C HIS A 61 -7.02 5.18 -20.12
N PRO A 62 -6.35 5.35 -21.26
CA PRO A 62 -5.66 4.22 -21.88
C PRO A 62 -4.44 3.81 -21.08
N PHE A 63 -4.28 2.51 -20.92
CA PHE A 63 -3.04 1.92 -20.40
C PHE A 63 -2.39 1.23 -21.60
N ILE A 64 -1.66 2.03 -22.38
CA ILE A 64 -1.19 1.62 -23.70
C ILE A 64 -0.41 0.31 -23.63
N ALA A 65 0.59 0.25 -22.74
CA ALA A 65 1.46 -0.92 -22.68
C ALA A 65 0.69 -2.19 -22.33
N ASP A 66 -0.25 -2.11 -21.38
CA ASP A 66 -0.95 -3.32 -20.93
C ASP A 66 -2.11 -3.70 -21.83
N GLN A 67 -2.44 -2.86 -22.82
CA GLN A 67 -3.56 -3.09 -23.72
C GLN A 67 -4.88 -3.15 -22.94
N TYR A 68 -5.05 -2.15 -22.08
CA TYR A 68 -6.22 -1.95 -21.24
C TYR A 68 -6.76 -0.54 -21.47
N LEU A 69 -8.08 -0.38 -21.34
CA LEU A 69 -8.68 0.94 -21.19
C LEU A 69 -9.29 1.03 -19.79
N GLY A 70 -8.95 2.07 -19.02
CA GLY A 70 -9.45 2.22 -17.68
C GLY A 70 -10.62 3.18 -17.66
N ILE A 71 -11.75 2.72 -17.13
CA ILE A 71 -12.94 3.55 -16.96
C ILE A 71 -12.91 4.01 -15.51
N ILE A 72 -12.62 5.28 -15.26
CA ILE A 72 -12.27 5.73 -13.92
C ILE A 72 -13.26 6.80 -13.51
N PHE A 73 -13.96 6.56 -12.40
CA PHE A 73 -14.92 7.52 -11.86
C PHE A 73 -14.31 8.07 -10.58
N LEU A 74 -14.14 9.38 -10.52
CA LEU A 74 -13.46 10.05 -9.42
C LEU A 74 -14.50 10.79 -8.60
N PHE A 75 -14.45 10.61 -7.28
CA PHE A 75 -15.46 11.14 -6.39
C PHE A 75 -14.86 11.29 -4.98
N GLN A 76 -15.67 11.81 -4.06
CA GLN A 76 -15.18 12.18 -2.73
C GLN A 76 -16.07 11.57 -1.66
N ILE A 77 -15.49 11.31 -0.49
CA ILE A 77 -16.20 10.79 0.66
C ILE A 77 -16.04 11.78 1.81
N GLU A 78 -17.16 12.15 2.44
CA GLU A 78 -17.18 13.01 3.63
C GLU A 78 -18.03 12.39 4.72
N ASN A 79 -17.76 12.79 5.96
CA ASN A 79 -18.45 12.28 7.15
C ASN A 79 -18.39 10.75 7.19
N THR A 86 -12.49 14.85 4.17
CA THR A 86 -12.78 14.57 2.77
C THR A 86 -11.69 13.76 2.06
N PHE A 87 -12.05 12.54 1.64
CA PHE A 87 -11.14 11.66 0.94
C PHE A 87 -11.44 11.72 -0.56
N ASP A 88 -10.40 11.85 -1.38
CA ASP A 88 -10.56 11.51 -2.79
C ASP A 88 -10.73 10.01 -2.93
N ALA A 89 -11.59 9.58 -3.85
CA ALA A 89 -11.82 8.15 -4.07
C ALA A 89 -12.03 7.89 -5.55
N SER A 90 -11.83 6.63 -5.95
CA SER A 90 -12.07 6.23 -7.32
C SER A 90 -12.79 4.89 -7.38
N LEU A 91 -13.59 4.75 -8.43
CA LEU A 91 -14.14 3.48 -8.87
C LEU A 91 -13.64 3.25 -10.29
N LEU A 92 -12.92 2.15 -10.50
CA LEU A 92 -12.30 1.85 -11.79
C LEU A 92 -12.89 0.55 -12.33
N ILE A 93 -13.27 0.54 -13.60
CA ILE A 93 -13.56 -0.69 -14.33
C ILE A 93 -12.53 -0.82 -15.43
N MET A 94 -11.89 -1.97 -15.55
CA MET A 94 -10.91 -2.05 -16.60
C MET A 94 -11.36 -2.99 -17.72
N THR A 95 -11.14 -2.57 -18.95
CA THR A 95 -11.56 -3.31 -20.14
C THR A 95 -10.37 -3.44 -21.08
N ASP A 96 -10.49 -4.34 -22.05
CA ASP A 96 -9.41 -4.51 -23.01
C ASP A 96 -9.44 -3.31 -23.95
N TYR A 97 -8.24 -2.88 -24.36
CA TYR A 97 -8.09 -1.65 -25.13
C TYR A 97 -8.87 -1.68 -26.45
N GLN A 98 -9.03 -2.86 -27.05
CA GLN A 98 -9.72 -2.97 -28.34
C GLN A 98 -11.16 -2.49 -28.29
N PHE A 99 -11.78 -2.42 -27.11
CA PHE A 99 -13.19 -2.05 -27.02
C PHE A 99 -13.38 -0.54 -26.82
N ARG A 100 -12.29 0.21 -26.82
CA ARG A 100 -12.35 1.63 -26.47
CA ARG A 100 -12.34 1.63 -26.48
C ARG A 100 -13.44 2.36 -27.24
N ASN A 101 -13.61 2.05 -28.53
CA ASN A 101 -14.55 2.82 -29.33
C ASN A 101 -15.99 2.58 -28.89
N THR A 102 -16.31 1.35 -28.52
CA THR A 102 -17.65 1.08 -28.00
C THR A 102 -17.86 1.75 -26.66
N ILE A 103 -16.82 1.75 -25.80
CA ILE A 103 -16.94 2.38 -24.48
C ILE A 103 -17.27 3.86 -24.63
N TYR A 104 -16.60 4.54 -25.56
CA TYR A 104 -16.88 5.96 -25.77
C TYR A 104 -18.34 6.19 -26.16
N LYS A 105 -18.90 5.35 -27.04
CA LYS A 105 -20.30 5.52 -27.42
C LYS A 105 -21.23 5.34 -26.24
N MET A 106 -20.80 4.57 -25.24
CA MET A 106 -21.64 4.12 -24.16
C MET A 106 -21.45 4.97 -22.90
N HIS A 107 -20.96 6.21 -23.07
CA HIS A 107 -20.53 6.99 -21.91
C HIS A 107 -21.71 7.30 -21.00
N THR A 108 -22.90 7.50 -21.56
CA THR A 108 -24.04 7.90 -20.75
C THR A 108 -24.46 6.81 -19.78
N VAL A 109 -24.54 5.55 -20.25
CA VAL A 109 -24.98 4.53 -19.32
C VAL A 109 -23.87 4.21 -18.32
N LEU A 110 -22.61 4.29 -18.73
CA LEU A 110 -21.50 4.10 -17.80
C LEU A 110 -21.54 5.13 -16.68
N GLU A 111 -21.72 6.42 -17.02
CA GLU A 111 -21.82 7.44 -15.97
C GLU A 111 -22.99 7.19 -15.05
N LYS A 112 -24.12 6.73 -15.60
CA LYS A 112 -25.25 6.34 -14.77
C LYS A 112 -24.87 5.29 -13.74
N ILE A 113 -24.34 4.16 -14.21
CA ILE A 113 -24.14 3.07 -13.26
C ILE A 113 -22.99 3.40 -12.32
N LEU A 114 -21.96 4.09 -12.80
CA LEU A 114 -20.85 4.46 -11.91
C LEU A 114 -21.33 5.35 -10.76
N ASN A 115 -22.24 6.30 -11.04
CA ASN A 115 -22.82 7.13 -9.97
C ASN A 115 -23.57 6.27 -8.98
N GLU A 116 -24.41 5.35 -9.47
CA GLU A 116 -25.22 4.51 -8.60
C GLU A 116 -24.34 3.64 -7.70
N ILE A 117 -23.32 3.02 -8.28
CA ILE A 117 -22.44 2.14 -7.49
C ILE A 117 -21.56 2.96 -6.55
N SER A 118 -21.13 4.13 -7.00
CA SER A 118 -20.32 4.97 -6.12
C SER A 118 -21.09 5.38 -4.87
N ASP A 119 -22.38 5.66 -5.02
CA ASP A 119 -23.20 5.95 -3.84
C ASP A 119 -23.22 4.79 -2.87
N GLU A 120 -23.37 3.55 -3.36
CA GLU A 120 -23.37 2.42 -2.45
C GLU A 120 -22.02 2.27 -1.75
N LEU A 121 -20.92 2.46 -2.49
CA LEU A 121 -19.59 2.33 -1.90
C LEU A 121 -19.32 3.43 -0.87
N ILE A 122 -19.77 4.66 -1.15
CA ILE A 122 -19.64 5.74 -0.17
C ILE A 122 -20.34 5.37 1.12
N ASN A 123 -21.59 4.93 1.02
CA ASN A 123 -22.33 4.58 2.23
C ASN A 123 -21.67 3.43 2.97
N ALA A 124 -21.18 2.42 2.23
CA ALA A 124 -20.50 1.31 2.90
C ALA A 124 -19.19 1.77 3.54
N PHE A 125 -18.51 2.73 2.94
CA PHE A 125 -17.28 3.22 3.56
C PHE A 125 -17.56 3.98 4.85
N ILE A 126 -18.51 4.94 4.82
CA ILE A 126 -18.83 5.69 6.03
C ILE A 126 -19.34 4.77 7.13
N SER A 127 -20.15 3.78 6.77
CA SER A 127 -20.63 2.82 7.76
C SER A 127 -19.48 2.02 8.36
N GLU A 128 -18.56 1.52 7.52
CA GLU A 128 -17.55 0.61 8.03
C GLU A 128 -16.44 1.32 8.78
N PHE A 129 -16.12 2.56 8.44
CA PHE A 129 -15.01 3.28 9.08
C PHE A 129 -15.50 4.38 10.00
N LYS A 130 -16.66 4.14 10.64
CA LYS A 130 -17.23 5.05 11.62
C LYS A 130 -16.18 5.49 12.64
N ASP A 131 -15.63 4.54 13.38
CA ASP A 131 -14.79 4.86 14.53
C ASP A 131 -13.47 5.46 14.10
N ASP A 132 -12.76 4.80 13.18
CA ASP A 132 -11.46 5.27 12.69
C ASP A 132 -11.49 5.26 11.17
N SER A 133 -11.45 6.44 10.57
CA SER A 133 -11.39 6.55 9.12
C SER A 133 -10.04 6.11 8.56
N GLU A 134 -9.02 5.93 9.39
CA GLU A 134 -7.72 5.52 8.90
C GLU A 134 -7.38 4.07 9.26
N ALA A 135 -8.37 3.31 9.72
CA ALA A 135 -8.14 1.94 10.14
C ALA A 135 -7.74 1.05 8.97
N PRO A 136 -6.99 -0.04 9.24
CA PRO A 136 -6.68 -1.00 8.17
C PRO A 136 -7.93 -1.72 7.71
N ILE A 137 -7.96 -2.06 6.41
CA ILE A 137 -9.15 -2.64 5.81
C ILE A 137 -9.19 -4.15 6.12
N THR A 138 -9.73 -4.50 7.28
CA THR A 138 -9.77 -5.88 7.73
C THR A 138 -10.99 -6.64 7.23
N ASN A 139 -12.00 -5.95 6.72
CA ASN A 139 -13.17 -6.57 6.12
C ASN A 139 -13.41 -5.91 4.77
N ARG A 140 -12.99 -6.58 3.70
CA ARG A 140 -13.23 -6.07 2.35
C ARG A 140 -14.55 -6.53 1.77
N GLU A 141 -15.24 -7.46 2.43
CA GLU A 141 -16.38 -8.06 1.76
C GLU A 141 -17.58 -7.15 1.52
N PRO A 142 -17.89 -6.16 2.36
CA PRO A 142 -19.01 -5.27 1.97
C PRO A 142 -18.74 -4.61 0.61
N PHE A 143 -17.48 -4.29 0.34
CA PHE A 143 -17.11 -3.65 -0.92
C PHE A 143 -17.10 -4.65 -2.07
N ARG A 144 -16.60 -5.89 -1.85
CA ARG A 144 -16.68 -6.90 -2.91
C ARG A 144 -18.12 -7.17 -3.30
N ILE A 145 -19.02 -7.25 -2.32
CA ILE A 145 -20.44 -7.49 -2.59
C ILE A 145 -20.99 -6.41 -3.50
N ILE A 146 -20.71 -5.15 -3.17
CA ILE A 146 -21.19 -4.05 -4.00
C ILE A 146 -20.61 -4.15 -5.41
N LEU A 147 -19.30 -4.44 -5.52
CA LEU A 147 -18.69 -4.53 -6.84
C LEU A 147 -19.19 -5.76 -7.60
N GLN A 148 -19.42 -6.86 -6.91
CA GLN A 148 -20.02 -8.02 -7.56
C GLN A 148 -21.40 -7.65 -8.15
N ARG A 149 -22.19 -6.91 -7.37
CA ARG A 149 -23.49 -6.43 -7.83
C ARG A 149 -23.37 -5.57 -9.08
N MET A 150 -22.45 -4.58 -9.09
CA MET A 150 -22.06 -3.88 -10.31
C MET A 150 -21.95 -4.79 -11.50
N HIS A 151 -21.09 -5.81 -11.35
CA HIS A 151 -20.80 -6.67 -12.49
C HIS A 151 -22.05 -7.44 -12.93
N LYS A 152 -22.90 -7.87 -11.99
CA LYS A 152 -24.16 -8.50 -12.38
C LYS A 152 -25.02 -7.56 -13.22
N LYS A 153 -25.08 -6.27 -12.84
CA LYS A 153 -25.84 -5.29 -13.61
C LYS A 153 -25.16 -4.97 -14.94
N LEU A 154 -23.84 -4.79 -14.95
CA LEU A 154 -23.14 -4.60 -16.23
C LEU A 154 -23.43 -5.71 -17.22
N LYS A 155 -23.58 -6.95 -16.73
CA LYS A 155 -23.79 -8.05 -17.66
C LYS A 155 -25.19 -8.03 -18.32
N THR A 156 -26.07 -7.10 -17.93
CA THR A 156 -27.35 -6.95 -18.60
C THR A 156 -27.38 -5.78 -19.59
N ILE A 157 -26.24 -5.12 -19.79
CA ILE A 157 -26.15 -4.03 -20.74
C ILE A 157 -25.43 -4.51 -21.99
N PRO A 158 -26.15 -4.79 -23.08
CA PRO A 158 -25.47 -5.26 -24.30
C PRO A 158 -24.57 -4.18 -24.90
N LEU A 159 -23.50 -4.62 -25.55
CA LEU A 159 -22.56 -3.70 -26.17
C LEU A 159 -23.24 -2.94 -27.30
N ASN A 160 -23.21 -1.61 -27.23
CA ASN A 160 -23.77 -0.77 -28.27
C ASN A 160 -22.89 -0.81 -29.51
N LEU A 161 -22.90 -1.96 -30.17
CA LEU A 161 -22.03 -2.30 -31.28
C LEU A 161 -22.22 -3.79 -31.46
N GLU B 1 -6.48 -16.16 2.25
CA GLU B 1 -5.91 -16.99 3.31
C GLU B 1 -4.59 -16.43 3.83
N GLN B 2 -3.53 -16.53 3.03
CA GLN B 2 -2.23 -15.98 3.40
C GLN B 2 -2.15 -14.50 3.07
N SER B 3 -1.16 -13.84 3.68
CA SER B 3 -1.00 -12.40 3.52
C SER B 3 0.46 -12.06 3.75
N LEU B 4 0.83 -10.84 3.35
CA LEU B 4 2.16 -10.36 3.71
C LEU B 4 2.38 -10.49 5.21
N GLY B 5 1.31 -10.31 5.99
CA GLY B 5 1.45 -10.39 7.43
C GLY B 5 1.71 -11.80 7.91
N SER B 6 1.14 -12.80 7.24
CA SER B 6 1.33 -14.18 7.67
C SER B 6 2.73 -14.71 7.36
N ILE B 7 3.46 -14.12 6.42
CA ILE B 7 4.83 -14.54 6.18
C ILE B 7 5.86 -13.58 6.78
N ALA B 8 5.41 -12.53 7.47
CA ALA B 8 6.34 -11.60 8.11
C ALA B 8 6.65 -12.14 9.51
N LYS B 9 7.83 -12.74 9.67
CA LYS B 9 8.20 -13.38 10.92
C LYS B 9 8.37 -12.37 12.05
N PHE B 10 9.08 -11.28 11.80
CA PHE B 10 9.32 -10.25 12.80
C PHE B 10 9.84 -9.02 12.07
N SER B 11 9.88 -7.90 12.79
CA SER B 11 10.43 -6.68 12.21
C SER B 11 11.22 -5.93 13.27
N ILE B 12 12.23 -5.17 12.82
CA ILE B 12 13.11 -4.42 13.71
C ILE B 12 13.32 -3.03 13.13
N PHE B 13 13.20 -2.01 13.98
CA PHE B 13 13.61 -0.66 13.63
C PHE B 13 14.95 -0.36 14.30
N SER B 14 15.97 -0.03 13.50
CA SER B 14 17.33 0.20 14.00
C SER B 14 17.88 1.55 13.55
N VAL B 15 18.80 2.11 14.34
CA VAL B 15 19.42 3.40 14.07
C VAL B 15 20.91 3.29 14.37
N ALA B 16 21.73 3.84 13.48
CA ALA B 16 23.18 3.83 13.64
C ALA B 16 23.60 5.13 14.32
N ARG B 17 24.05 5.04 15.57
CA ARG B 17 24.43 6.23 16.31
C ARG B 17 25.91 6.17 16.70
N GLN B 18 26.31 6.88 17.76
CA GLN B 18 27.72 6.98 18.08
C GLN B 18 28.30 5.61 18.41
N ALA B 19 27.55 4.78 19.15
CA ALA B 19 27.95 3.40 19.40
C ALA B 19 27.49 2.46 18.29
N GLY B 20 27.36 2.95 17.07
CA GLY B 20 27.02 2.11 15.94
C GLY B 20 25.56 1.70 15.89
N PRO B 21 25.26 0.75 14.99
CA PRO B 21 23.87 0.31 14.83
C PRO B 21 23.33 -0.29 16.12
N GLU B 22 22.06 0.00 16.40
CA GLU B 22 21.43 -0.53 17.60
C GLU B 22 19.95 -0.70 17.34
N PRO B 23 19.30 -1.67 17.96
CA PRO B 23 17.84 -1.82 17.83
C PRO B 23 17.09 -0.84 18.71
N ILE B 24 16.13 -0.14 18.11
CA ILE B 24 15.28 0.80 18.86
C ILE B 24 13.97 0.15 19.28
N GLY B 25 13.23 -0.42 18.31
CA GLY B 25 12.03 -1.16 18.60
C GLY B 25 11.94 -2.34 17.65
N TRP B 26 11.04 -3.26 17.98
CA TRP B 26 10.85 -4.51 17.21
C TRP B 26 9.49 -5.10 17.55
N TRP B 27 9.09 -6.09 16.74
CA TRP B 27 7.80 -6.77 16.87
C TRP B 27 7.98 -8.19 16.32
N GLU B 28 7.46 -9.19 17.03
CA GLU B 28 6.85 -9.11 18.35
C GLU B 28 7.86 -9.50 19.45
N ASN B 29 7.95 -10.80 19.77
CA ASN B 29 8.86 -11.29 20.81
C ASN B 29 10.03 -11.99 20.13
N ILE B 30 11.23 -11.44 20.33
CA ILE B 30 12.45 -11.87 19.65
C ILE B 30 13.54 -11.99 20.69
N ASP B 31 14.26 -13.11 20.69
CA ASP B 31 15.42 -13.26 21.57
C ASP B 31 16.47 -12.20 21.28
N TYR B 32 17.20 -11.79 22.32
CA TYR B 32 18.10 -10.65 22.17
C TYR B 32 19.17 -10.91 21.12
N ASP B 33 19.63 -12.15 20.97
CA ASP B 33 20.74 -12.35 20.05
C ASP B 33 20.27 -12.33 18.60
N ILE B 34 19.00 -12.68 18.36
CA ILE B 34 18.40 -12.52 17.04
C ILE B 34 18.21 -11.03 16.72
N ILE B 35 17.67 -10.26 17.68
CA ILE B 35 17.53 -8.81 17.51
C ILE B 35 18.87 -8.20 17.09
N PHE B 36 19.92 -8.45 17.87
CA PHE B 36 21.16 -7.76 17.58
C PHE B 36 21.80 -8.26 16.29
N LYS B 37 21.70 -9.57 16.01
CA LYS B 37 22.32 -10.10 14.80
C LYS B 37 21.76 -9.43 13.55
N TYR B 38 20.45 -9.33 13.45
CA TYR B 38 19.87 -8.78 12.24
C TYR B 38 19.80 -7.27 12.25
N SER B 39 19.67 -6.66 13.43
CA SER B 39 19.74 -5.20 13.52
C SER B 39 21.08 -4.69 13.00
N THR B 40 22.20 -5.26 13.50
CA THR B 40 23.52 -4.87 12.98
C THR B 40 23.70 -5.24 11.51
N SER B 41 23.27 -6.43 11.11
CA SER B 41 23.39 -6.83 9.70
C SER B 41 22.71 -5.83 8.78
N SER B 42 21.53 -5.36 9.19
CA SER B 42 20.75 -4.52 8.30
C SER B 42 21.47 -3.22 8.00
N LEU B 43 22.22 -2.69 8.98
CA LEU B 43 22.91 -1.42 8.78
C LEU B 43 24.32 -1.59 8.25
N LEU B 44 24.90 -2.79 8.35
CA LEU B 44 26.21 -3.04 7.76
C LEU B 44 26.15 -3.11 6.24
N LEU B 45 24.96 -3.30 5.67
CA LEU B 45 24.79 -3.14 4.22
C LEU B 45 25.21 -1.76 3.72
N LEU B 46 25.44 -0.80 4.62
CA LEU B 46 25.80 0.56 4.26
C LEU B 46 27.28 0.89 4.49
N VAL B 47 28.15 -0.12 4.62
CA VAL B 47 29.53 0.14 5.08
C VAL B 47 30.28 1.02 4.09
N ASN B 48 30.33 0.62 2.83
CA ASN B 48 31.06 1.37 1.81
C ASN B 48 30.15 2.29 1.00
N GLU B 49 29.18 2.90 1.65
CA GLU B 49 28.39 3.98 1.06
C GLU B 49 28.86 5.29 1.69
N VAL B 50 29.53 6.11 0.89
CA VAL B 50 30.17 7.33 1.39
C VAL B 50 29.19 8.17 2.19
N ARG B 51 27.97 8.33 1.68
CA ARG B 51 27.00 9.21 2.32
C ARG B 51 25.89 8.44 3.02
N GLY B 52 26.02 7.12 3.14
CA GLY B 52 24.98 6.34 3.80
C GLY B 52 23.75 6.20 2.92
N ALA B 53 22.58 6.18 3.56
CA ALA B 53 21.33 5.90 2.87
C ALA B 53 20.70 7.20 2.34
N THR B 54 21.40 7.82 1.37
CA THR B 54 20.98 9.15 0.90
C THR B 54 19.69 9.08 0.11
N HIS B 55 19.39 7.94 -0.49
CA HIS B 55 18.12 7.71 -1.15
C HIS B 55 17.45 6.56 -0.41
N ARG B 56 16.19 6.73 -0.03
CA ARG B 56 15.48 5.65 0.62
C ARG B 56 15.46 4.45 -0.30
N THR B 57 15.94 3.32 0.22
CA THR B 57 16.26 2.15 -0.58
C THR B 57 15.66 0.91 0.04
N LEU B 58 14.99 0.12 -0.78
CA LEU B 58 14.50 -1.20 -0.41
C LEU B 58 15.52 -2.24 -0.89
N ASN B 59 16.16 -2.92 0.05
CA ASN B 59 17.12 -3.99 -0.23
C ASN B 59 16.56 -5.32 0.25
N PHE B 60 16.39 -6.27 -0.67
CA PHE B 60 16.08 -7.65 -0.32
C PHE B 60 17.39 -8.38 -0.12
N HIS B 61 17.65 -8.84 1.11
CA HIS B 61 18.95 -9.44 1.43
C HIS B 61 18.78 -10.88 1.88
N PRO B 62 19.26 -11.85 1.11
CA PRO B 62 19.22 -13.25 1.56
C PRO B 62 20.20 -13.47 2.71
N PHE B 63 19.70 -14.07 3.78
CA PHE B 63 20.55 -14.63 4.84
C PHE B 63 20.67 -16.12 4.56
N ILE B 64 21.84 -16.52 4.04
CA ILE B 64 21.96 -17.80 3.37
C ILE B 64 21.83 -18.94 4.36
N ALA B 65 22.58 -18.89 5.46
CA ALA B 65 22.55 -19.96 6.45
C ALA B 65 21.15 -20.17 7.01
N ASP B 66 20.48 -19.07 7.38
CA ASP B 66 19.16 -19.19 7.95
C ASP B 66 18.07 -19.36 6.90
N GLN B 67 18.41 -19.24 5.62
CA GLN B 67 17.44 -19.28 4.53
C GLN B 67 16.31 -18.27 4.74
N TYR B 68 16.67 -17.08 5.21
CA TYR B 68 15.76 -15.94 5.34
C TYR B 68 15.95 -15.00 4.17
N LEU B 69 14.90 -14.20 3.90
CA LEU B 69 15.02 -13.03 3.03
C LEU B 69 14.70 -11.81 3.90
N GLY B 70 15.70 -10.97 4.12
CA GLY B 70 15.49 -9.71 4.80
C GLY B 70 14.86 -8.69 3.88
N ILE B 71 13.72 -8.14 4.27
CA ILE B 71 13.14 -7.00 3.58
C ILE B 71 13.62 -5.76 4.34
N ILE B 72 14.60 -5.05 3.78
CA ILE B 72 15.34 -4.03 4.53
C ILE B 72 15.17 -2.69 3.84
N PHE B 73 14.48 -1.78 4.52
CA PHE B 73 14.28 -0.41 4.05
C PHE B 73 15.31 0.46 4.74
N LEU B 74 16.14 1.13 3.95
CA LEU B 74 17.25 1.94 4.44
C LEU B 74 16.88 3.40 4.23
N PHE B 75 17.01 4.20 5.27
CA PHE B 75 16.64 5.60 5.18
C PHE B 75 17.45 6.37 6.22
N GLN B 76 17.17 7.66 6.33
CA GLN B 76 17.93 8.51 7.21
C GLN B 76 16.97 9.30 8.08
N ILE B 77 17.45 9.67 9.25
CA ILE B 77 16.70 10.48 10.21
C ILE B 77 17.40 11.83 10.25
N GLU B 78 16.81 12.83 9.61
CA GLU B 78 17.28 14.20 9.76
C GLU B 78 16.55 14.84 10.93
N ASN B 79 16.99 16.02 11.34
CA ASN B 79 16.20 16.65 12.39
C ASN B 79 15.48 17.89 11.87
N GLU B 84 22.11 19.52 11.44
CA GLU B 84 23.49 19.18 11.10
C GLU B 84 23.77 17.67 11.17
N LYS B 85 23.33 17.00 12.23
CA LYS B 85 23.52 15.55 12.37
C LYS B 85 22.44 14.78 11.61
N THR B 86 22.80 13.58 11.15
CA THR B 86 21.83 12.72 10.48
C THR B 86 22.22 11.27 10.71
N PHE B 87 21.24 10.47 11.12
CA PHE B 87 21.44 9.06 11.43
C PHE B 87 20.98 8.22 10.25
N ASP B 88 21.79 7.23 9.87
CA ASP B 88 21.28 6.15 9.03
C ASP B 88 20.35 5.25 9.87
N ALA B 89 19.31 4.72 9.24
CA ALA B 89 18.35 3.89 9.97
C ALA B 89 17.84 2.79 9.04
N SER B 90 17.30 1.74 9.64
CA SER B 90 16.74 0.63 8.86
C SER B 90 15.45 0.13 9.48
N LEU B 91 14.54 -0.28 8.60
CA LEU B 91 13.33 -1.00 8.96
C LEU B 91 13.44 -2.35 8.25
N LEU B 92 13.53 -3.42 9.03
CA LEU B 92 13.74 -4.76 8.53
C LEU B 92 12.49 -5.59 8.79
N ILE B 93 12.00 -6.32 7.79
CA ILE B 93 11.00 -7.37 7.97
C ILE B 93 11.63 -8.68 7.52
N MET B 94 11.63 -9.69 8.39
CA MET B 94 12.15 -11.02 8.06
C MET B 94 11.08 -11.95 7.52
N THR B 95 11.39 -12.60 6.40
CA THR B 95 10.58 -13.68 5.80
C THR B 95 11.49 -14.86 5.44
N ASP B 96 10.87 -15.94 4.97
CA ASP B 96 11.57 -17.10 4.42
C ASP B 96 12.05 -16.84 3.00
N TYR B 97 13.28 -17.26 2.71
CA TYR B 97 13.82 -17.09 1.37
C TYR B 97 13.00 -17.84 0.32
N GLN B 98 12.30 -18.89 0.74
CA GLN B 98 11.46 -19.63 -0.21
C GLN B 98 10.28 -18.81 -0.74
N PHE B 99 9.92 -17.71 -0.08
CA PHE B 99 8.82 -16.87 -0.53
C PHE B 99 9.27 -15.72 -1.41
N ARG B 100 10.50 -15.74 -1.93
CA ARG B 100 11.03 -14.56 -2.58
C ARG B 100 10.29 -14.21 -3.86
N ASN B 101 9.75 -15.20 -4.58
CA ASN B 101 9.02 -14.82 -5.80
C ASN B 101 7.83 -13.95 -5.45
N THR B 102 7.12 -14.29 -4.36
CA THR B 102 6.02 -13.47 -3.88
C THR B 102 6.50 -12.10 -3.41
N ILE B 103 7.58 -12.07 -2.63
CA ILE B 103 8.10 -10.81 -2.12
C ILE B 103 8.54 -9.90 -3.26
N TYR B 104 9.28 -10.44 -4.24
CA TYR B 104 9.73 -9.63 -5.37
C TYR B 104 8.54 -9.07 -6.17
N LYS B 105 7.48 -9.86 -6.36
CA LYS B 105 6.27 -9.37 -7.03
C LYS B 105 5.65 -8.19 -6.29
N MET B 106 5.66 -8.24 -4.95
CA MET B 106 5.12 -7.23 -4.04
C MET B 106 6.09 -6.09 -3.75
N HIS B 107 7.21 -5.99 -4.46
CA HIS B 107 8.22 -5.02 -4.05
C HIS B 107 7.68 -3.61 -4.08
N THR B 108 6.78 -3.28 -5.03
CA THR B 108 6.25 -1.92 -5.06
C THR B 108 5.28 -1.67 -3.90
N VAL B 109 4.42 -2.64 -3.62
CA VAL B 109 3.57 -2.57 -2.44
C VAL B 109 4.39 -2.40 -1.18
N LEU B 110 5.44 -3.21 -1.02
CA LEU B 110 6.26 -3.16 0.19
C LEU B 110 6.97 -1.81 0.32
N GLU B 111 7.49 -1.29 -0.79
CA GLU B 111 8.19 -0.01 -0.72
C GLU B 111 7.26 1.11 -0.28
N LYS B 112 6.02 1.11 -0.79
CA LYS B 112 5.04 2.09 -0.34
C LYS B 112 4.77 1.95 1.16
N ILE B 113 4.49 0.72 1.61
CA ILE B 113 4.18 0.55 3.03
C ILE B 113 5.39 0.89 3.90
N LEU B 114 6.59 0.50 3.47
CA LEU B 114 7.76 0.77 4.29
C LEU B 114 8.05 2.26 4.36
N ASN B 115 7.82 3.00 3.26
CA ASN B 115 8.00 4.45 3.30
CA ASN B 115 8.01 4.45 3.31
C ASN B 115 7.09 5.09 4.33
N GLU B 116 5.82 4.68 4.33
CA GLU B 116 4.79 5.08 5.28
C GLU B 116 5.26 4.88 6.70
N ILE B 117 5.62 3.64 7.01
CA ILE B 117 6.02 3.29 8.39
C ILE B 117 7.28 4.04 8.77
N SER B 118 8.24 4.15 7.86
CA SER B 118 9.46 4.87 8.19
CA SER B 118 9.47 4.87 8.15
C SER B 118 9.19 6.33 8.48
N ASP B 119 8.22 6.95 7.79
CA ASP B 119 7.86 8.31 8.17
C ASP B 119 7.34 8.37 9.60
N GLU B 120 6.52 7.40 10.00
CA GLU B 120 6.03 7.40 11.38
C GLU B 120 7.16 7.14 12.38
N LEU B 121 8.05 6.21 12.07
CA LEU B 121 9.19 5.96 12.94
C LEU B 121 10.08 7.19 13.06
N ILE B 122 10.35 7.87 11.94
CA ILE B 122 11.19 9.06 11.98
C ILE B 122 10.57 10.10 12.90
N ASN B 123 9.29 10.39 12.71
CA ASN B 123 8.59 11.34 13.58
C ASN B 123 8.73 10.93 15.04
N ALA B 124 8.52 9.64 15.34
CA ALA B 124 8.56 9.20 16.73
C ALA B 124 9.97 9.35 17.30
N PHE B 125 10.99 9.10 16.48
CA PHE B 125 12.35 9.22 16.98
C PHE B 125 12.69 10.69 17.24
N ILE B 126 12.28 11.55 16.32
CA ILE B 126 12.54 12.98 16.46
C ILE B 126 11.93 13.51 17.75
N SER B 127 10.67 13.18 18.00
CA SER B 127 10.02 13.60 19.23
C SER B 127 10.66 12.97 20.46
N GLU B 128 11.01 11.68 20.42
CA GLU B 128 11.48 11.02 21.63
C GLU B 128 12.88 11.46 22.02
N PHE B 129 13.70 11.90 21.05
CA PHE B 129 15.09 12.23 21.30
C PHE B 129 15.39 13.72 21.13
N LYS B 130 14.37 14.59 21.17
CA LYS B 130 14.58 16.02 20.92
C LYS B 130 15.66 16.59 21.84
N ASP B 131 15.66 16.21 23.12
CA ASP B 131 16.61 16.80 24.06
C ASP B 131 18.04 16.33 23.84
N ASP B 132 18.21 15.09 23.34
CA ASP B 132 19.55 14.54 23.14
C ASP B 132 19.45 13.40 22.13
N SER B 133 20.00 13.62 20.94
CA SER B 133 19.90 12.63 19.87
C SER B 133 20.77 11.41 20.13
N GLU B 134 21.68 11.45 21.09
CA GLU B 134 22.51 10.31 21.41
C GLU B 134 22.12 9.65 22.72
N ALA B 135 21.00 10.04 23.31
CA ALA B 135 20.59 9.49 24.60
C ALA B 135 20.31 7.99 24.50
N PRO B 136 20.61 7.22 25.54
CA PRO B 136 20.23 5.80 25.53
C PRO B 136 18.73 5.66 25.35
N ILE B 137 18.33 4.66 24.56
CA ILE B 137 16.91 4.37 24.40
C ILE B 137 16.39 3.75 25.69
N THR B 138 15.23 4.20 26.14
CA THR B 138 14.59 3.60 27.31
C THR B 138 13.15 3.21 27.01
N ASN B 139 12.35 4.14 26.51
CA ASN B 139 10.95 3.87 26.16
C ASN B 139 10.85 3.40 24.72
N ARG B 140 10.60 2.10 24.52
CA ARG B 140 10.50 1.58 23.16
C ARG B 140 9.07 1.57 22.65
N GLU B 141 8.10 1.86 23.51
CA GLU B 141 6.70 1.68 23.14
C GLU B 141 6.23 2.56 21.98
N PRO B 142 6.67 3.81 21.81
CA PRO B 142 6.23 4.56 20.62
C PRO B 142 6.61 3.86 19.32
N PHE B 143 7.74 3.16 19.31
CA PHE B 143 8.22 2.48 18.12
C PHE B 143 7.56 1.13 17.97
N ARG B 144 7.38 0.43 19.09
CA ARG B 144 6.73 -0.88 19.10
C ARG B 144 5.28 -0.79 18.61
N ILE B 145 4.58 0.26 19.03
CA ILE B 145 3.20 0.50 18.61
C ILE B 145 3.11 0.63 17.10
N ILE B 146 4.05 1.38 16.51
CA ILE B 146 4.04 1.56 15.06
C ILE B 146 4.30 0.25 14.33
N LEU B 147 5.27 -0.54 14.81
CA LEU B 147 5.53 -1.83 14.17
C LEU B 147 4.35 -2.79 14.30
N GLN B 148 3.68 -2.78 15.44
CA GLN B 148 2.51 -3.63 15.59
C GLN B 148 1.43 -3.24 14.59
N ARG B 149 1.22 -1.93 14.39
CA ARG B 149 0.24 -1.48 13.41
C ARG B 149 0.65 -1.83 11.98
N MET B 150 1.96 -1.79 11.69
CA MET B 150 2.47 -2.22 10.39
C MET B 150 2.09 -3.68 10.13
N HIS B 151 2.29 -4.55 11.11
CA HIS B 151 1.97 -5.96 10.91
C HIS B 151 0.46 -6.16 10.74
N LYS B 152 -0.35 -5.39 11.45
CA LYS B 152 -1.80 -5.46 11.25
C LYS B 152 -2.17 -5.08 9.81
N LYS B 153 -1.52 -4.06 9.27
CA LYS B 153 -1.79 -3.66 7.88
C LYS B 153 -1.29 -4.71 6.90
N LEU B 154 -0.10 -5.26 7.15
CA LEU B 154 0.39 -6.33 6.28
C LEU B 154 -0.57 -7.51 6.24
N LYS B 155 -1.28 -7.78 7.33
CA LYS B 155 -2.23 -8.88 7.33
C LYS B 155 -3.42 -8.62 6.42
N THR B 156 -3.68 -7.35 6.04
CA THR B 156 -4.74 -7.03 5.10
C THR B 156 -4.31 -7.10 3.64
N ILE B 157 -3.05 -7.43 3.35
CA ILE B 157 -2.56 -7.50 1.98
C ILE B 157 -2.55 -8.98 1.58
N PRO B 158 -3.51 -9.42 0.77
CA PRO B 158 -3.67 -10.86 0.53
C PRO B 158 -2.61 -11.35 -0.44
N LEU B 159 -2.21 -12.61 -0.28
CA LEU B 159 -1.22 -13.24 -1.13
C LEU B 159 -1.81 -14.50 -1.75
N ASN B 160 -1.42 -14.81 -2.98
CA ASN B 160 -1.78 -16.08 -3.59
C ASN B 160 -0.73 -17.12 -3.20
N LEU B 161 -0.79 -17.47 -1.92
CA LEU B 161 0.15 -18.38 -1.24
C LEU B 161 1.53 -18.50 -1.86
#